data_8XV5
#
_entry.id   8XV5
#
_cell.length_a   1.00
_cell.length_b   1.00
_cell.length_c   1.00
_cell.angle_alpha   90.00
_cell.angle_beta   90.00
_cell.angle_gamma   90.00
#
_symmetry.space_group_name_H-M   'P 1'
#
loop_
_entity.id
_entity.type
_entity.pdbx_description
1 polymer 'Soluble cytochrome b562,Thiamine transporter 2'
2 non-polymer 4-(AMINOMETHYL)-5-(HYDROXYMETHYL)-2-METHYLPYRIDIN-3-OL
#
_entity_poly.entity_id   1
_entity_poly.type   'polypeptide(L)'
_entity_poly.pdbx_seq_one_letter_code
;LEVLFQGPSRATADLEDNWETLNDNLKVIEKADNAAQVKDALTKMRAAALDAQKATPPKLEDKSPDSPEMKDFRHGFDIL
VGQIDDALKLANEGKVKEAQAAAEQLKTTRNAYIQKYLSWIYPTVILCLFGFFSMMRPSEPFLIPYLSGPDKNLTSAEIT
NEIFPVWTYSYLVLLLPVFVLTDYVRYKPVIILQGISFIITWLLLLFGQGVKTMQVVEFFYGMVTAAEVAYYAYIYSVVS
PEHYQRVSGYCRSVTLAAYTAGSVLAQLLVSLANMSYFYLNVISLASVSVAFLFSLFLPMPKKSMFFHAKPSREIKKSSS
VNPVLEETHEGEAPGCEEQKPTSEILSTSGKLNKGQLNSLKPSNVTVDVFVQWFQDLKECYSSKRLFYWSLWWAFATAGF
NQVLNYVQILWDYKAPSQDSSIYNGAVEAIATFGGAVAAFAVGYVKVNWDLLGELALVVFSVVNAGSLFLMHYTANIWAC
YAGYLIFKSSYMLLITIAVFQIAVNLNVERYALVFGINTFIALVIQTIMTVIVVDQRGLNLPVSIQFLVYGSYFAVIAGI
FLMRSMYITYSTKSQKDVQSPAPSENPDVSHPEEESNIIMSTKLSNS
;
_entity_poly.pdbx_strand_id   A
#
# COMPACT_ATOMS: atom_id res chain seq x y z
N SER A 119 -3.68 25.74 -18.08
CA SER A 119 -3.82 24.53 -18.88
C SER A 119 -3.27 23.31 -18.13
N TRP A 120 -3.99 22.18 -18.23
CA TRP A 120 -3.67 21.02 -17.40
C TRP A 120 -3.72 19.67 -18.10
N ILE A 121 -3.95 19.63 -19.41
CA ILE A 121 -4.19 18.35 -20.09
C ILE A 121 -2.92 17.52 -20.17
N TYR A 122 -1.84 18.10 -20.70
CA TYR A 122 -0.61 17.35 -20.93
C TYR A 122 0.09 16.85 -19.67
N PRO A 123 0.22 17.59 -18.55
CA PRO A 123 0.82 16.97 -17.36
C PRO A 123 -0.04 15.88 -16.76
N THR A 124 -1.36 16.00 -16.86
CA THR A 124 -2.25 14.92 -16.44
C THR A 124 -2.02 13.67 -17.29
N VAL A 125 -1.83 13.85 -18.60
CA VAL A 125 -1.61 12.71 -19.49
C VAL A 125 -0.28 12.02 -19.18
N ILE A 126 0.78 12.80 -18.98
CA ILE A 126 2.09 12.19 -18.71
C ILE A 126 2.10 11.52 -17.34
N LEU A 127 1.43 12.13 -16.35
CA LEU A 127 1.41 11.54 -15.01
C LEU A 127 0.54 10.29 -14.97
N CYS A 128 -0.56 10.27 -15.71
CA CYS A 128 -1.39 9.06 -15.77
C CYS A 128 -0.72 7.95 -16.55
N LEU A 129 0.07 8.28 -17.58
CA LEU A 129 0.83 7.25 -18.27
C LEU A 129 1.90 6.66 -17.37
N PHE A 130 2.56 7.51 -16.57
CA PHE A 130 3.51 7.01 -15.58
C PHE A 130 2.83 6.11 -14.56
N GLY A 131 1.64 6.49 -14.09
CA GLY A 131 0.95 5.65 -13.14
C GLY A 131 0.51 4.33 -13.72
N PHE A 132 -0.05 4.35 -14.93
CA PHE A 132 -0.60 3.15 -15.53
C PHE A 132 0.47 2.19 -15.99
N PHE A 133 1.67 2.67 -16.31
CA PHE A 133 2.75 1.75 -16.59
C PHE A 133 3.69 1.54 -15.40
N SER A 134 3.46 2.21 -14.28
CA SER A 134 4.23 1.94 -13.09
C SER A 134 3.58 0.87 -12.21
N MET A 135 2.27 0.93 -12.06
CA MET A 135 1.56 -0.07 -11.26
C MET A 135 1.08 -1.25 -12.11
N MET A 136 1.60 -1.39 -13.33
CA MET A 136 1.29 -2.52 -14.20
C MET A 136 2.40 -3.55 -14.00
N ARG A 137 2.35 -4.21 -12.85
CA ARG A 137 3.38 -5.17 -12.48
C ARG A 137 2.71 -6.53 -12.33
N PRO A 138 2.74 -7.37 -13.38
CA PRO A 138 2.09 -8.69 -13.27
C PRO A 138 2.82 -9.65 -12.35
N SER A 139 4.06 -9.37 -11.98
CA SER A 139 4.76 -10.22 -11.04
C SER A 139 4.38 -9.95 -9.61
N GLU A 140 3.64 -8.88 -9.35
CA GLU A 140 3.23 -8.50 -8.01
C GLU A 140 2.34 -9.53 -7.29
N PRO A 141 1.37 -10.19 -7.94
CA PRO A 141 0.69 -11.27 -7.21
C PRO A 141 1.53 -12.51 -7.03
N PHE A 142 2.27 -12.93 -8.06
CA PHE A 142 2.98 -14.21 -8.05
C PHE A 142 4.40 -14.09 -7.54
N LEU A 143 4.65 -13.19 -6.59
CA LEU A 143 6.01 -13.02 -6.08
C LEU A 143 6.41 -14.15 -5.14
N ILE A 144 5.52 -14.57 -4.25
CA ILE A 144 5.86 -15.66 -3.34
C ILE A 144 5.88 -17.04 -3.99
N PRO A 145 5.14 -17.37 -5.08
CA PRO A 145 5.51 -18.60 -5.79
C PRO A 145 6.74 -18.43 -6.67
N TYR A 146 7.24 -17.21 -6.84
CA TYR A 146 8.47 -16.98 -7.59
C TYR A 146 9.69 -17.18 -6.71
N LEU A 147 9.76 -16.49 -5.58
CA LEU A 147 10.93 -16.58 -4.72
C LEU A 147 10.96 -17.84 -3.88
N SER A 148 9.89 -18.64 -3.88
CA SER A 148 9.92 -19.93 -3.22
C SER A 148 9.95 -21.11 -4.17
N GLY A 149 9.84 -20.86 -5.47
CA GLY A 149 9.86 -21.93 -6.43
C GLY A 149 11.27 -22.27 -6.86
N PRO A 150 11.40 -22.96 -8.00
CA PRO A 150 12.73 -23.28 -8.52
C PRO A 150 13.46 -22.12 -9.15
N ASP A 151 12.84 -20.94 -9.20
CA ASP A 151 13.50 -19.78 -9.80
C ASP A 151 14.61 -19.25 -8.91
N LYS A 152 14.29 -18.93 -7.65
CA LYS A 152 15.27 -18.50 -6.67
C LYS A 152 15.15 -19.38 -5.44
N ASN A 153 16.23 -20.07 -5.08
CA ASN A 153 16.22 -21.02 -3.97
C ASN A 153 16.31 -20.25 -2.66
N LEU A 154 15.15 -19.79 -2.20
CA LEU A 154 15.02 -19.16 -0.89
C LEU A 154 13.92 -19.88 -0.13
N THR A 155 14.24 -20.32 1.09
CA THR A 155 13.25 -21.05 1.87
C THR A 155 12.22 -20.09 2.44
N SER A 156 11.11 -20.66 2.92
CA SER A 156 9.98 -19.85 3.37
C SER A 156 10.29 -19.13 4.66
N ALA A 157 11.12 -19.73 5.52
CA ALA A 157 11.52 -19.07 6.75
C ALA A 157 12.37 -17.84 6.46
N GLU A 158 13.23 -17.92 5.44
CA GLU A 158 14.07 -16.80 5.05
C GLU A 158 13.25 -15.64 4.51
N ILE A 159 12.25 -15.93 3.67
CA ILE A 159 11.44 -14.87 3.09
C ILE A 159 10.50 -14.29 4.14
N THR A 160 10.04 -15.11 5.09
CA THR A 160 9.13 -14.61 6.11
C THR A 160 9.86 -13.76 7.13
N ASN A 161 11.04 -14.20 7.59
CA ASN A 161 11.67 -13.58 8.74
C ASN A 161 12.89 -12.72 8.41
N GLU A 162 13.66 -13.07 7.40
CA GLU A 162 14.92 -12.39 7.14
C GLU A 162 14.88 -11.44 5.97
N ILE A 163 13.85 -11.48 5.14
CA ILE A 163 13.85 -10.70 3.91
C ILE A 163 12.73 -9.66 3.88
N PHE A 164 11.48 -10.11 3.99
CA PHE A 164 10.36 -9.16 3.95
C PHE A 164 10.31 -8.07 5.03
N PRO A 165 10.63 -8.31 6.33
CA PRO A 165 10.59 -7.20 7.31
C PRO A 165 11.48 -6.02 6.99
N VAL A 166 12.56 -6.24 6.21
CA VAL A 166 13.45 -5.18 5.75
C VAL A 166 12.67 -4.07 5.06
N TRP A 167 11.62 -4.45 4.31
CA TRP A 167 10.76 -3.49 3.62
C TRP A 167 10.18 -2.48 4.58
N THR A 168 9.58 -2.96 5.69
CA THR A 168 9.00 -2.06 6.68
C THR A 168 10.06 -1.18 7.29
N TYR A 169 11.25 -1.75 7.53
CA TYR A 169 12.38 -0.97 8.03
C TYR A 169 12.76 0.08 7.01
N SER A 170 12.87 -0.33 5.75
CA SER A 170 13.25 0.58 4.69
C SER A 170 12.10 1.44 4.22
N TYR A 171 10.94 1.35 4.86
CA TYR A 171 9.90 2.31 4.60
C TYR A 171 9.71 3.27 5.77
N LEU A 172 10.39 3.02 6.90
CA LEU A 172 10.42 4.01 7.98
C LEU A 172 11.56 5.00 7.79
N VAL A 173 12.79 4.48 7.76
CA VAL A 173 14.00 5.30 7.65
C VAL A 173 14.01 6.11 6.37
N LEU A 174 13.42 5.58 5.30
CA LEU A 174 13.34 6.28 4.03
C LEU A 174 12.05 7.08 3.87
N LEU A 175 11.32 7.33 4.95
CA LEU A 175 10.12 8.15 4.75
C LEU A 175 10.39 9.63 5.01
N LEU A 176 10.98 9.93 6.17
CA LEU A 176 11.19 11.32 6.56
C LEU A 176 12.17 12.10 5.68
N PRO A 177 13.28 11.55 5.15
CA PRO A 177 14.06 12.36 4.19
C PRO A 177 13.35 12.56 2.87
N VAL A 178 12.75 11.50 2.31
CA VAL A 178 12.23 11.54 0.95
C VAL A 178 11.07 12.51 0.82
N PHE A 179 10.20 12.60 1.83
CA PHE A 179 9.15 13.61 1.84
C PHE A 179 9.73 15.02 1.86
N VAL A 180 10.83 15.22 2.58
CA VAL A 180 11.52 16.51 2.54
C VAL A 180 12.28 16.66 1.24
N LEU A 181 12.64 15.57 0.57
CA LEU A 181 13.12 15.67 -0.80
C LEU A 181 11.96 15.82 -1.77
N THR A 182 10.74 15.59 -1.32
CA THR A 182 9.56 15.74 -2.17
C THR A 182 9.19 17.20 -2.40
N ASP A 183 9.19 18.01 -1.34
CA ASP A 183 8.76 19.41 -1.44
C ASP A 183 9.91 20.37 -1.64
N TYR A 184 11.12 19.87 -1.88
CA TYR A 184 12.29 20.72 -2.01
C TYR A 184 12.80 20.83 -3.43
N VAL A 185 12.90 19.72 -4.15
CA VAL A 185 13.31 19.74 -5.54
C VAL A 185 12.11 19.65 -6.48
N ARG A 186 10.92 19.98 -5.97
CA ARG A 186 9.70 20.23 -6.75
C ARG A 186 9.24 18.97 -7.50
N TYR A 187 9.21 17.85 -6.78
CA TYR A 187 8.43 16.65 -7.07
C TYR A 187 8.90 15.83 -8.28
N LYS A 188 9.78 16.37 -9.10
CA LYS A 188 10.19 15.62 -10.30
C LYS A 188 11.35 14.64 -10.07
N PRO A 189 12.48 14.99 -9.44
CA PRO A 189 13.56 13.99 -9.31
C PRO A 189 13.25 12.86 -8.35
N VAL A 190 12.24 13.00 -7.50
CA VAL A 190 11.81 11.90 -6.66
C VAL A 190 10.92 10.93 -7.44
N ILE A 191 10.18 11.41 -8.45
CA ILE A 191 9.45 10.50 -9.32
C ILE A 191 10.42 9.80 -10.30
N ILE A 192 11.43 10.52 -10.77
CA ILE A 192 12.49 9.89 -11.57
C ILE A 192 13.29 8.91 -10.71
N LEU A 193 13.46 9.22 -9.43
CA LEU A 193 14.07 8.29 -8.49
C LEU A 193 13.20 7.06 -8.28
N GLN A 194 11.87 7.22 -8.31
CA GLN A 194 10.98 6.07 -8.24
C GLN A 194 11.10 5.20 -9.48
N GLY A 195 11.29 5.83 -10.65
CA GLY A 195 11.51 5.06 -11.87
C GLY A 195 12.81 4.28 -11.85
N ILE A 196 13.89 4.92 -11.41
CA ILE A 196 15.18 4.24 -11.27
C ILE A 196 15.09 3.15 -10.20
N SER A 197 14.27 3.37 -9.17
CA SER A 197 14.09 2.37 -8.12
C SER A 197 13.32 1.16 -8.65
N PHE A 198 12.31 1.39 -9.47
CA PHE A 198 11.62 0.33 -10.20
C PHE A 198 12.59 -0.50 -11.04
N ILE A 199 13.45 0.18 -11.80
CA ILE A 199 14.38 -0.51 -12.68
C ILE A 199 15.36 -1.36 -11.88
N ILE A 200 15.93 -0.79 -10.82
CA ILE A 200 16.91 -1.51 -10.00
C ILE A 200 16.24 -2.65 -9.23
N THR A 201 15.01 -2.44 -8.74
CA THR A 201 14.31 -3.44 -7.97
C THR A 201 13.95 -4.66 -8.82
N TRP A 202 13.39 -4.42 -10.00
CA TRP A 202 13.03 -5.58 -10.79
C TRP A 202 14.20 -6.19 -11.55
N LEU A 203 15.30 -5.46 -11.75
CA LEU A 203 16.54 -6.11 -12.18
C LEU A 203 17.08 -7.03 -11.09
N LEU A 204 16.98 -6.62 -9.82
CA LEU A 204 17.46 -7.47 -8.75
C LEU A 204 16.52 -8.64 -8.49
N LEU A 205 15.23 -8.49 -8.80
CA LEU A 205 14.34 -9.65 -8.72
C LEU A 205 14.57 -10.62 -9.87
N LEU A 206 14.90 -10.12 -11.06
CA LEU A 206 15.17 -11.02 -12.18
C LEU A 206 16.52 -11.71 -12.04
N PHE A 207 17.54 -11.01 -11.57
CA PHE A 207 18.90 -11.52 -11.62
C PHE A 207 19.60 -11.45 -10.27
N GLY A 208 18.86 -11.68 -9.18
CA GLY A 208 19.49 -11.71 -7.87
C GLY A 208 19.26 -13.02 -7.16
N GLN A 209 20.34 -13.62 -6.65
CA GLN A 209 20.27 -14.86 -5.90
C GLN A 209 21.01 -14.68 -4.58
N GLY A 210 20.42 -15.19 -3.51
CA GLY A 210 21.02 -15.07 -2.19
C GLY A 210 20.20 -14.20 -1.25
N VAL A 211 20.37 -14.39 0.06
CA VAL A 211 19.61 -13.59 1.00
C VAL A 211 20.17 -12.19 1.14
N LYS A 212 21.39 -11.94 0.67
CA LYS A 212 21.93 -10.59 0.65
C LYS A 212 21.15 -9.71 -0.33
N THR A 213 20.86 -10.23 -1.51
CA THR A 213 20.34 -9.42 -2.60
C THR A 213 18.87 -9.07 -2.39
N MET A 214 18.12 -9.96 -1.76
CA MET A 214 16.69 -9.74 -1.66
C MET A 214 16.38 -8.72 -0.58
N GLN A 215 17.28 -8.54 0.38
CA GLN A 215 17.17 -7.41 1.29
C GLN A 215 17.40 -6.09 0.56
N VAL A 216 18.27 -6.09 -0.46
CA VAL A 216 18.47 -4.88 -1.25
C VAL A 216 17.24 -4.60 -2.10
N VAL A 217 16.58 -5.66 -2.57
CA VAL A 217 15.28 -5.53 -3.23
C VAL A 217 14.27 -4.85 -2.32
N GLU A 218 14.21 -5.30 -1.06
CA GLU A 218 13.25 -4.71 -0.14
C GLU A 218 13.60 -3.28 0.23
N PHE A 219 14.90 -2.94 0.21
CA PHE A 219 15.31 -1.55 0.46
C PHE A 219 14.84 -0.62 -0.65
N PHE A 220 15.14 -0.98 -1.90
CA PHE A 220 14.71 -0.13 -3.01
C PHE A 220 13.19 -0.13 -3.16
N TYR A 221 12.52 -1.19 -2.72
CA TYR A 221 11.06 -1.16 -2.81
C TYR A 221 10.44 -0.36 -1.68
N GLY A 222 11.12 -0.26 -0.54
CA GLY A 222 10.71 0.69 0.47
C GLY A 222 10.86 2.12 0.00
N MET A 223 11.92 2.39 -0.78
CA MET A 223 12.05 3.72 -1.37
C MET A 223 11.01 3.97 -2.45
N VAL A 224 10.58 2.92 -3.16
CA VAL A 224 9.44 3.00 -4.08
C VAL A 224 8.18 3.44 -3.35
N THR A 225 7.85 2.75 -2.26
CA THR A 225 6.63 3.06 -1.54
C THR A 225 6.72 4.43 -0.86
N ALA A 226 7.94 4.87 -0.53
CA ALA A 226 8.13 6.23 -0.03
C ALA A 226 7.88 7.27 -1.11
N ALA A 227 8.35 7.01 -2.32
CA ALA A 227 8.12 7.93 -3.44
C ALA A 227 6.71 7.85 -3.99
N GLU A 228 5.91 6.87 -3.55
CA GLU A 228 4.51 6.82 -3.97
C GLU A 228 3.73 8.04 -3.48
N VAL A 229 4.05 8.54 -2.29
CA VAL A 229 3.41 9.74 -1.78
C VAL A 229 3.83 10.96 -2.61
N ALA A 230 5.07 10.96 -3.08
CA ALA A 230 5.53 12.00 -3.99
C ALA A 230 4.85 11.92 -5.35
N TYR A 231 4.53 10.72 -5.80
CA TYR A 231 3.71 10.57 -7.00
C TYR A 231 2.32 11.15 -6.81
N TYR A 232 1.69 10.87 -5.67
CA TYR A 232 0.36 11.43 -5.43
C TYR A 232 0.38 12.92 -5.10
N ALA A 233 1.53 13.50 -4.79
CA ALA A 233 1.60 14.92 -4.44
C ALA A 233 2.04 15.80 -5.59
N TYR A 234 2.27 15.25 -6.78
CA TYR A 234 2.73 16.05 -7.92
C TYR A 234 1.62 16.92 -8.49
N ILE A 235 0.36 16.55 -8.29
CA ILE A 235 -0.76 17.16 -9.00
C ILE A 235 -0.97 18.61 -8.58
N TYR A 236 -0.58 18.95 -7.36
CA TYR A 236 -0.85 20.28 -6.80
C TYR A 236 0.26 21.27 -7.09
N SER A 237 1.01 21.10 -8.17
CA SER A 237 2.08 22.01 -8.54
C SER A 237 1.94 22.56 -9.95
N VAL A 238 1.36 21.80 -10.86
CA VAL A 238 1.18 22.26 -12.23
C VAL A 238 -0.30 22.40 -12.61
N VAL A 239 -1.20 21.64 -11.99
CA VAL A 239 -2.64 21.83 -12.20
C VAL A 239 -3.08 23.06 -11.41
N SER A 240 -3.89 23.91 -12.05
CA SER A 240 -4.46 25.07 -11.38
C SER A 240 -5.41 24.63 -10.27
N PRO A 241 -5.60 25.46 -9.23
CA PRO A 241 -6.43 25.02 -8.09
C PRO A 241 -7.91 24.90 -8.37
N GLU A 242 -8.40 25.19 -9.58
CA GLU A 242 -9.76 24.80 -9.92
C GLU A 242 -9.89 23.28 -10.01
N HIS A 243 -8.95 22.64 -10.68
CA HIS A 243 -9.05 21.22 -11.03
C HIS A 243 -8.27 20.33 -10.06
N TYR A 244 -8.21 20.68 -8.77
CA TYR A 244 -7.56 19.79 -7.82
C TYR A 244 -8.36 18.52 -7.58
N GLN A 245 -9.68 18.64 -7.46
CA GLN A 245 -10.51 17.49 -7.15
C GLN A 245 -10.70 16.59 -8.36
N ARG A 246 -10.82 17.19 -9.55
CA ARG A 246 -11.09 16.40 -10.76
C ARG A 246 -9.87 15.61 -11.20
N VAL A 247 -8.73 16.29 -11.38
CA VAL A 247 -7.54 15.68 -11.98
C VAL A 247 -6.99 14.57 -11.09
N SER A 248 -6.81 14.86 -9.80
CA SER A 248 -6.45 13.83 -8.83
C SER A 248 -7.50 12.72 -8.79
N GLY A 249 -8.77 13.09 -8.92
CA GLY A 249 -9.85 12.12 -8.98
C GLY A 249 -9.78 11.17 -10.15
N TYR A 250 -9.01 11.53 -11.19
CA TYR A 250 -8.72 10.55 -12.22
C TYR A 250 -7.49 9.72 -11.85
N CYS A 251 -6.42 10.39 -11.39
CA CYS A 251 -5.07 9.81 -11.41
C CYS A 251 -4.96 8.61 -10.48
N ARG A 252 -5.48 8.74 -9.26
CA ARG A 252 -5.50 7.64 -8.30
C ARG A 252 -6.25 6.43 -8.85
N SER A 253 -7.36 6.69 -9.54
CA SER A 253 -8.14 5.61 -10.14
C SER A 253 -7.34 4.88 -11.20
N VAL A 254 -6.47 5.62 -11.92
CA VAL A 254 -5.61 5.03 -12.94
C VAL A 254 -4.68 4.00 -12.31
N THR A 255 -4.20 4.29 -11.09
CA THR A 255 -3.33 3.35 -10.39
C THR A 255 -4.06 2.06 -10.08
N LEU A 256 -5.33 2.18 -9.64
CA LEU A 256 -6.13 0.99 -9.42
C LEU A 256 -6.42 0.30 -10.73
N ALA A 257 -6.64 1.08 -11.80
CA ALA A 257 -6.84 0.50 -13.11
C ALA A 257 -5.56 -0.12 -13.63
N ALA A 258 -4.41 0.35 -13.14
CA ALA A 258 -3.16 -0.29 -13.51
C ALA A 258 -2.94 -1.57 -12.73
N TYR A 259 -3.55 -1.71 -11.57
CA TYR A 259 -3.20 -2.85 -10.74
C TYR A 259 -4.08 -4.04 -11.05
N THR A 260 -5.40 -3.82 -11.07
CA THR A 260 -6.38 -4.90 -11.22
C THR A 260 -6.19 -5.64 -12.54
N ALA A 261 -6.28 -4.90 -13.65
CA ALA A 261 -5.94 -5.47 -14.95
C ALA A 261 -4.49 -5.91 -14.98
N GLY A 262 -3.60 -5.20 -14.27
CA GLY A 262 -2.23 -5.62 -14.14
C GLY A 262 -2.04 -6.94 -13.44
N SER A 263 -3.00 -7.34 -12.61
CA SER A 263 -2.97 -8.68 -12.07
C SER A 263 -3.65 -9.69 -12.98
N VAL A 264 -4.67 -9.25 -13.73
CA VAL A 264 -5.40 -10.17 -14.60
C VAL A 264 -4.51 -10.63 -15.75
N LEU A 265 -3.76 -9.68 -16.34
CA LEU A 265 -2.72 -10.01 -17.31
C LEU A 265 -1.65 -10.92 -16.71
N ALA A 266 -1.48 -10.88 -15.39
CA ALA A 266 -0.72 -11.92 -14.71
C ALA A 266 -1.39 -13.27 -14.89
N GLN A 267 -2.59 -13.42 -14.33
CA GLN A 267 -3.15 -14.74 -14.11
C GLN A 267 -3.65 -15.36 -15.40
N LEU A 268 -4.21 -14.54 -16.30
CA LEU A 268 -4.57 -15.06 -17.61
C LEU A 268 -3.36 -15.35 -18.50
N LEU A 269 -2.15 -14.97 -18.09
CA LEU A 269 -0.97 -15.50 -18.76
C LEU A 269 -0.37 -16.70 -18.05
N VAL A 270 -0.83 -17.02 -16.85
CA VAL A 270 -0.34 -18.20 -16.15
C VAL A 270 -1.28 -19.39 -16.32
N SER A 271 -2.57 -19.18 -16.08
CA SER A 271 -3.52 -20.29 -16.17
C SER A 271 -3.91 -20.61 -17.60
N LEU A 272 -3.46 -19.83 -18.58
CA LEU A 272 -3.87 -20.05 -19.96
C LEU A 272 -2.71 -20.22 -20.93
N ALA A 273 -1.50 -19.83 -20.56
CA ALA A 273 -0.37 -19.91 -21.46
C ALA A 273 0.83 -20.63 -20.88
N ASN A 274 0.80 -20.97 -19.59
CA ASN A 274 1.92 -21.56 -18.84
C ASN A 274 3.18 -20.70 -18.99
N MET A 275 3.01 -19.39 -18.94
CA MET A 275 4.15 -18.49 -19.01
C MET A 275 4.89 -18.53 -17.68
N SER A 276 6.21 -18.48 -17.75
CA SER A 276 7.04 -18.62 -16.57
C SER A 276 6.92 -17.40 -15.68
N TYR A 277 7.24 -17.60 -14.39
CA TYR A 277 7.29 -16.49 -13.46
C TYR A 277 8.43 -15.54 -13.79
N PHE A 278 9.50 -16.08 -14.39
CA PHE A 278 10.61 -15.26 -14.83
C PHE A 278 10.17 -14.28 -15.91
N TYR A 279 9.43 -14.76 -16.91
CA TYR A 279 8.96 -13.87 -17.96
C TYR A 279 7.81 -12.99 -17.48
N LEU A 280 7.13 -13.36 -16.40
CA LEU A 280 6.18 -12.48 -15.77
C LEU A 280 6.89 -11.28 -15.15
N ASN A 281 8.01 -11.54 -14.47
CA ASN A 281 8.89 -10.45 -14.03
C ASN A 281 9.49 -9.67 -15.19
N VAL A 282 9.69 -10.33 -16.34
CA VAL A 282 10.22 -9.62 -17.52
C VAL A 282 9.19 -8.63 -18.05
N ILE A 283 7.92 -9.03 -18.06
CA ILE A 283 6.83 -8.12 -18.41
C ILE A 283 6.78 -6.95 -17.43
N SER A 284 7.02 -7.24 -16.14
CA SER A 284 7.06 -6.18 -15.13
C SER A 284 8.21 -5.20 -15.38
N LEU A 285 9.39 -5.72 -15.75
CA LEU A 285 10.54 -4.85 -16.01
C LEU A 285 10.30 -3.99 -17.24
N ALA A 286 9.71 -4.56 -18.29
CA ALA A 286 9.41 -3.78 -19.49
C ALA A 286 8.38 -2.70 -19.20
N SER A 287 7.41 -3.00 -18.33
CA SER A 287 6.40 -2.03 -17.97
C SER A 287 6.99 -0.89 -17.14
N VAL A 288 7.84 -1.19 -16.17
CA VAL A 288 8.44 -0.11 -15.40
C VAL A 288 9.51 0.63 -16.20
N SER A 289 10.06 0.01 -17.24
CA SER A 289 10.94 0.74 -18.16
C SER A 289 10.15 1.75 -18.98
N VAL A 290 8.97 1.36 -19.47
CA VAL A 290 8.10 2.31 -20.15
C VAL A 290 7.65 3.41 -19.18
N ALA A 291 7.44 3.05 -17.91
CA ALA A 291 7.11 4.05 -16.89
C ALA A 291 8.24 5.03 -16.65
N PHE A 292 9.48 4.55 -16.68
CA PHE A 292 10.62 5.44 -16.51
C PHE A 292 10.81 6.34 -17.73
N LEU A 293 10.56 5.81 -18.93
CA LEU A 293 10.66 6.64 -20.12
C LEU A 293 9.55 7.70 -20.18
N PHE A 294 8.39 7.40 -19.60
CA PHE A 294 7.41 8.47 -19.42
C PHE A 294 7.73 9.39 -18.26
N SER A 295 8.57 8.96 -17.31
CA SER A 295 8.93 9.85 -16.22
C SER A 295 10.03 10.83 -16.61
N LEU A 296 10.74 10.57 -17.71
CA LEU A 296 11.76 11.51 -18.16
C LEU A 296 11.12 12.74 -18.79
N PHE A 297 10.00 12.55 -19.49
CA PHE A 297 9.29 13.66 -20.13
C PHE A 297 8.23 14.25 -19.22
N LEU A 298 8.58 14.51 -17.99
CA LEU A 298 7.66 15.20 -17.12
C LEU A 298 7.88 16.70 -17.18
N PRO A 299 6.82 17.49 -17.03
CA PRO A 299 7.00 18.95 -16.95
C PRO A 299 7.56 19.33 -15.58
N MET A 300 8.72 19.98 -15.59
CA MET A 300 9.31 20.51 -14.38
C MET A 300 8.44 21.63 -13.84
N PRO A 301 7.80 21.48 -12.68
CA PRO A 301 6.85 22.49 -12.21
C PRO A 301 7.55 23.71 -11.66
N LYS A 302 6.76 24.65 -11.15
CA LYS A 302 7.25 25.97 -10.75
C LYS A 302 7.23 26.20 -9.25
N LYS A 303 6.10 26.00 -8.59
CA LYS A 303 6.04 26.21 -7.15
C LYS A 303 5.87 24.87 -6.44
N SER A 304 6.31 24.84 -5.20
CA SER A 304 6.07 23.70 -4.33
C SER A 304 4.87 23.98 -3.46
N MET A 305 4.66 23.13 -2.47
CA MET A 305 3.58 23.31 -1.51
C MET A 305 4.03 23.93 -0.21
N PHE A 306 5.24 23.63 0.25
CA PHE A 306 5.78 24.22 1.47
C PHE A 306 6.99 25.11 1.23
N PHE A 307 8.06 24.58 0.61
CA PHE A 307 9.34 25.29 0.61
C PHE A 307 9.37 26.41 -0.41
N HIS A 308 9.12 26.11 -1.69
CA HIS A 308 9.08 27.15 -2.71
C HIS A 308 7.69 27.75 -2.88
N ALA A 309 6.84 27.69 -1.86
CA ALA A 309 5.54 28.32 -1.93
C ALA A 309 5.68 29.84 -1.86
N LYS A 310 4.85 30.54 -2.62
CA LYS A 310 4.95 31.98 -2.69
C LYS A 310 4.41 32.62 -1.42
N PRO A 311 5.20 33.45 -0.73
CA PRO A 311 4.78 34.12 0.51
C PRO A 311 3.67 35.15 0.29
N TRP A 373 7.96 26.26 10.70
CA TRP A 373 6.69 25.65 11.09
C TRP A 373 6.78 24.92 12.43
N PHE A 374 7.82 25.23 13.21
CA PHE A 374 7.93 24.64 14.54
C PHE A 374 6.89 25.23 15.49
N GLN A 375 6.71 26.56 15.46
CA GLN A 375 5.70 27.20 16.28
C GLN A 375 4.29 27.01 15.72
N ASP A 376 4.18 26.59 14.46
CA ASP A 376 2.88 26.34 13.84
C ASP A 376 2.29 24.99 14.23
N LEU A 377 3.04 24.16 14.94
CA LEU A 377 2.62 22.78 15.21
C LEU A 377 1.39 22.73 16.12
N LYS A 378 1.32 23.63 17.10
CA LYS A 378 0.10 23.76 17.90
C LYS A 378 -1.07 24.23 17.04
N GLU A 379 -0.80 25.07 16.05
CA GLU A 379 -1.80 25.41 15.05
C GLU A 379 -2.12 24.21 14.16
N CYS A 380 -1.18 23.27 14.00
CA CYS A 380 -1.45 22.08 13.21
C CYS A 380 -2.37 21.12 13.96
N TYR A 381 -2.17 20.96 15.26
CA TYR A 381 -2.88 19.95 16.04
C TYR A 381 -3.77 20.56 17.13
N SER A 382 -4.53 21.60 16.77
CA SER A 382 -5.52 22.16 17.68
C SER A 382 -6.90 21.54 17.45
N SER A 383 -6.96 20.23 17.67
CA SER A 383 -8.22 19.48 17.56
C SER A 383 -8.11 18.20 18.37
N LYS A 384 -9.22 17.47 18.42
CA LYS A 384 -9.27 16.15 19.05
C LYS A 384 -9.86 15.13 18.09
N ARG A 385 -10.81 15.57 17.26
CA ARG A 385 -11.40 14.70 16.25
C ARG A 385 -10.35 14.25 15.24
N LEU A 386 -9.49 15.18 14.82
CA LEU A 386 -8.36 14.85 13.97
C LEU A 386 -7.42 13.87 14.67
N PHE A 387 -7.27 14.01 15.99
CA PHE A 387 -6.38 13.13 16.75
C PHE A 387 -6.90 11.70 16.76
N TYR A 388 -8.19 11.51 17.01
CA TYR A 388 -8.69 10.14 17.09
C TYR A 388 -8.81 9.50 15.72
N TRP A 389 -9.25 10.25 14.71
CA TRP A 389 -9.26 9.68 13.35
C TRP A 389 -7.84 9.43 12.83
N SER A 390 -6.87 10.24 13.25
CA SER A 390 -5.50 10.03 12.81
C SER A 390 -4.87 8.83 13.49
N LEU A 391 -5.19 8.61 14.78
CA LEU A 391 -4.66 7.46 15.49
C LEU A 391 -5.25 6.16 14.94
N TRP A 392 -6.55 6.16 14.65
CA TRP A 392 -7.15 4.98 14.05
C TRP A 392 -6.65 4.76 12.63
N TRP A 393 -6.40 5.84 11.87
CA TRP A 393 -5.79 5.72 10.56
C TRP A 393 -4.40 5.11 10.65
N ALA A 394 -3.64 5.49 11.68
CA ALA A 394 -2.29 4.98 11.86
C ALA A 394 -2.28 3.48 12.15
N PHE A 395 -3.13 3.05 13.11
CA PHE A 395 -3.17 1.63 13.43
C PHE A 395 -3.74 0.79 12.30
N ALA A 396 -4.75 1.33 11.60
CA ALA A 396 -5.34 0.58 10.49
C ALA A 396 -4.37 0.48 9.32
N THR A 397 -3.59 1.53 9.06
CA THR A 397 -2.62 1.49 7.97
C THR A 397 -1.46 0.56 8.29
N ALA A 398 -1.03 0.52 9.56
CA ALA A 398 0.03 -0.41 9.95
C ALA A 398 -0.43 -1.86 9.80
N GLY A 399 -1.65 -2.15 10.26
CA GLY A 399 -2.17 -3.50 10.13
C GLY A 399 -2.38 -3.93 8.70
N PHE A 400 -2.84 -3.00 7.86
CA PHE A 400 -3.06 -3.34 6.46
C PHE A 400 -1.75 -3.53 5.72
N ASN A 401 -0.72 -2.76 6.06
CA ASN A 401 0.57 -2.95 5.39
C ASN A 401 1.21 -4.27 5.80
N GLN A 402 1.07 -4.68 7.07
CA GLN A 402 1.59 -5.99 7.47
C GLN A 402 0.84 -7.14 6.79
N VAL A 403 -0.49 -7.04 6.71
CA VAL A 403 -1.26 -8.12 6.10
C VAL A 403 -0.98 -8.16 4.60
N LEU A 404 -0.84 -7.00 3.96
CA LEU A 404 -0.51 -6.93 2.55
C LEU A 404 0.90 -7.44 2.27
N ASN A 405 1.79 -7.38 3.26
CA ASN A 405 3.06 -8.07 3.12
C ASN A 405 2.87 -9.59 3.13
N TYR A 406 2.34 -10.14 4.22
CA TYR A 406 2.52 -11.56 4.48
C TYR A 406 1.33 -12.43 4.05
N VAL A 407 0.35 -11.87 3.34
CA VAL A 407 -0.79 -12.68 2.92
C VAL A 407 -0.37 -13.67 1.83
N GLN A 408 0.67 -13.36 1.07
CA GLN A 408 1.14 -14.33 0.09
C GLN A 408 1.84 -15.50 0.74
N ILE A 409 2.57 -15.27 1.84
CA ILE A 409 3.19 -16.40 2.54
C ILE A 409 2.12 -17.24 3.23
N LEU A 410 1.04 -16.61 3.69
CA LEU A 410 -0.07 -17.41 4.22
C LEU A 410 -0.73 -18.25 3.12
N TRP A 411 -0.87 -17.68 1.93
CA TRP A 411 -1.39 -18.43 0.78
C TRP A 411 -0.47 -19.57 0.39
N ASP A 412 0.85 -19.38 0.56
CA ASP A 412 1.80 -20.43 0.24
C ASP A 412 1.74 -21.54 1.28
N TYR A 413 1.51 -21.19 2.55
CA TYR A 413 1.48 -22.20 3.60
C TYR A 413 0.19 -23.00 3.61
N LYS A 414 -0.95 -22.39 3.26
CA LYS A 414 -2.19 -23.14 3.29
C LYS A 414 -2.30 -24.10 2.11
N ALA A 415 -1.66 -23.78 0.99
CA ALA A 415 -1.60 -24.65 -0.17
C ALA A 415 -0.35 -24.33 -0.98
N PRO A 416 0.60 -25.26 -1.08
CA PRO A 416 1.87 -24.95 -1.75
C PRO A 416 1.70 -24.75 -3.24
N SER A 417 2.63 -23.98 -3.81
CA SER A 417 2.53 -23.60 -5.22
C SER A 417 2.89 -24.75 -6.14
N GLN A 418 3.82 -25.61 -5.72
CA GLN A 418 4.21 -26.74 -6.57
C GLN A 418 3.15 -27.82 -6.57
N ASP A 419 2.38 -27.94 -5.50
CA ASP A 419 1.37 -29.00 -5.41
C ASP A 419 0.14 -28.66 -6.25
N SER A 420 -0.43 -27.47 -6.08
CA SER A 420 -1.67 -27.10 -6.75
C SER A 420 -1.47 -25.83 -7.58
N SER A 421 -2.33 -25.67 -8.58
CA SER A 421 -2.31 -24.50 -9.46
C SER A 421 -3.08 -23.38 -8.76
N ILE A 422 -2.36 -22.58 -7.98
CA ILE A 422 -2.97 -21.54 -7.18
C ILE A 422 -3.26 -20.33 -8.04
N TYR A 423 -4.25 -19.55 -7.62
CA TYR A 423 -4.85 -18.51 -8.46
C TYR A 423 -4.69 -17.13 -7.83
N ASN A 424 -3.47 -16.79 -7.42
CA ASN A 424 -3.23 -15.58 -6.64
C ASN A 424 -3.54 -14.31 -7.41
N GLY A 425 -3.30 -14.32 -8.72
CA GLY A 425 -3.51 -13.12 -9.52
C GLY A 425 -4.97 -12.73 -9.65
N ALA A 426 -5.82 -13.72 -9.93
CA ALA A 426 -7.25 -13.45 -10.06
C ALA A 426 -7.86 -13.00 -8.74
N VAL A 427 -7.45 -13.63 -7.64
CA VAL A 427 -8.01 -13.30 -6.34
C VAL A 427 -7.53 -11.91 -5.90
N GLU A 428 -6.28 -11.56 -6.18
CA GLU A 428 -5.81 -10.24 -5.78
C GLU A 428 -6.39 -9.15 -6.68
N ALA A 429 -6.67 -9.46 -7.94
CA ALA A 429 -7.34 -8.51 -8.81
C ALA A 429 -8.77 -8.27 -8.37
N ILE A 430 -9.50 -9.35 -8.06
CA ILE A 430 -10.87 -9.22 -7.55
C ILE A 430 -10.88 -8.51 -6.20
N ALA A 431 -9.82 -8.68 -5.40
CA ALA A 431 -9.75 -8.00 -4.11
C ALA A 431 -9.53 -6.50 -4.27
N THR A 432 -8.64 -6.10 -5.18
CA THR A 432 -8.44 -4.68 -5.46
C THR A 432 -9.69 -4.07 -6.07
N PHE A 433 -10.38 -4.82 -6.91
CA PHE A 433 -11.62 -4.36 -7.54
C PHE A 433 -12.71 -4.15 -6.50
N GLY A 434 -12.89 -5.12 -5.59
CA GLY A 434 -13.88 -4.99 -4.54
C GLY A 434 -13.55 -3.88 -3.56
N GLY A 435 -12.27 -3.63 -3.31
CA GLY A 435 -11.90 -2.50 -2.48
C GLY A 435 -12.21 -1.18 -3.14
N ALA A 436 -11.97 -1.06 -4.45
CA ALA A 436 -12.28 0.17 -5.16
C ALA A 436 -13.78 0.42 -5.23
N VAL A 437 -14.57 -0.65 -5.45
CA VAL A 437 -16.02 -0.53 -5.45
C VAL A 437 -16.54 -0.18 -4.05
N ALA A 438 -15.88 -0.70 -3.00
CA ALA A 438 -16.29 -0.36 -1.64
C ALA A 438 -15.98 1.09 -1.32
N ALA A 439 -14.87 1.62 -1.82
CA ALA A 439 -14.56 3.04 -1.63
C ALA A 439 -15.53 3.92 -2.41
N PHE A 440 -15.91 3.49 -3.62
CA PHE A 440 -16.93 4.20 -4.39
C PHE A 440 -18.28 4.16 -3.68
N ALA A 441 -18.56 3.09 -2.94
CA ALA A 441 -19.78 3.04 -2.15
C ALA A 441 -19.71 3.94 -0.92
N VAL A 442 -18.51 4.08 -0.34
CA VAL A 442 -18.30 5.05 0.74
C VAL A 442 -18.53 6.47 0.24
N GLY A 443 -18.13 6.74 -1.00
CA GLY A 443 -18.35 8.04 -1.62
C GLY A 443 -19.81 8.45 -1.84
N TYR A 444 -20.77 7.58 -1.56
CA TYR A 444 -22.19 7.91 -1.69
C TYR A 444 -22.97 7.40 -0.47
N VAL A 445 -22.48 7.72 0.72
CA VAL A 445 -23.16 7.37 1.97
C VAL A 445 -23.91 8.61 2.45
N LYS A 446 -25.22 8.63 2.20
CA LYS A 446 -26.09 9.70 2.71
C LYS A 446 -26.79 9.18 3.97
N VAL A 447 -25.98 8.96 5.00
CA VAL A 447 -26.48 8.58 6.32
C VAL A 447 -25.94 9.63 7.29
N ASN A 448 -26.72 9.95 8.31
CA ASN A 448 -26.30 10.85 9.38
C ASN A 448 -25.08 10.27 10.10
N TRP A 449 -24.01 11.05 10.16
CA TRP A 449 -22.69 10.51 10.50
C TRP A 449 -22.58 10.21 11.99
N ASP A 450 -23.18 11.04 12.84
CA ASP A 450 -23.20 10.77 14.27
C ASP A 450 -24.10 9.60 14.63
N LEU A 451 -25.05 9.25 13.75
CA LEU A 451 -25.89 8.08 13.95
C LEU A 451 -25.27 6.82 13.38
N LEU A 452 -24.47 6.94 12.33
CA LEU A 452 -23.88 5.79 11.65
C LEU A 452 -22.56 5.35 12.28
N GLY A 453 -21.65 6.30 12.50
CA GLY A 453 -20.27 6.01 12.85
C GLY A 453 -20.07 5.38 14.21
N GLU A 454 -21.07 5.44 15.08
CA GLU A 454 -20.99 4.74 16.35
C GLU A 454 -21.26 3.25 16.23
N LEU A 455 -21.79 2.79 15.10
CA LEU A 455 -22.15 1.39 14.92
C LEU A 455 -21.43 0.74 13.76
N ALA A 456 -21.43 1.39 12.58
CA ALA A 456 -20.92 0.75 11.37
C ALA A 456 -19.41 0.60 11.40
N LEU A 457 -18.71 1.54 12.04
CA LEU A 457 -17.26 1.44 12.21
C LEU A 457 -16.89 0.20 13.03
N VAL A 458 -17.59 0.00 14.14
CA VAL A 458 -17.36 -1.16 15.00
C VAL A 458 -17.71 -2.45 14.27
N VAL A 459 -18.81 -2.43 13.50
CA VAL A 459 -19.26 -3.63 12.79
C VAL A 459 -18.25 -4.05 11.74
N PHE A 460 -17.77 -3.11 10.92
CA PHE A 460 -16.78 -3.50 9.91
C PHE A 460 -15.39 -3.75 10.49
N SER A 461 -15.08 -3.20 11.67
CA SER A 461 -13.86 -3.61 12.35
C SER A 461 -13.95 -5.07 12.81
N VAL A 462 -15.12 -5.48 13.31
CA VAL A 462 -15.33 -6.89 13.64
C VAL A 462 -15.32 -7.75 12.38
N VAL A 463 -15.75 -7.20 11.24
CA VAL A 463 -15.67 -7.92 9.97
C VAL A 463 -14.21 -8.17 9.56
N ASN A 464 -13.35 -7.16 9.71
CA ASN A 464 -11.92 -7.34 9.43
C ASN A 464 -11.27 -8.32 10.39
N ALA A 465 -11.63 -8.24 11.68
CA ALA A 465 -11.07 -9.16 12.66
C ALA A 465 -11.49 -10.60 12.40
N GLY A 466 -12.76 -10.80 12.01
CA GLY A 466 -13.22 -12.12 11.64
C GLY A 466 -12.61 -12.62 10.35
N SER A 467 -12.26 -11.71 9.44
CA SER A 467 -11.58 -12.10 8.21
C SER A 467 -10.18 -12.64 8.50
N LEU A 468 -9.43 -11.95 9.35
CA LEU A 468 -8.11 -12.47 9.71
C LEU A 468 -8.22 -13.73 10.59
N PHE A 469 -9.27 -13.83 11.40
CA PHE A 469 -9.51 -15.06 12.15
C PHE A 469 -9.80 -16.22 11.22
N LEU A 470 -10.53 -15.95 10.12
CA LEU A 470 -10.80 -16.97 9.13
C LEU A 470 -9.53 -17.38 8.40
N MET A 471 -8.66 -16.42 8.09
CA MET A 471 -7.45 -16.77 7.36
C MET A 471 -6.42 -17.46 8.24
N HIS A 472 -6.46 -17.25 9.54
CA HIS A 472 -5.62 -18.06 10.42
C HIS A 472 -6.20 -19.44 10.68
N TYR A 473 -7.52 -19.55 10.80
CA TYR A 473 -8.11 -20.81 11.26
C TYR A 473 -8.19 -21.87 10.18
N THR A 474 -8.46 -21.51 8.93
CA THR A 474 -8.91 -22.48 7.94
C THR A 474 -7.77 -23.36 7.43
N ALA A 475 -8.13 -24.33 6.61
CA ALA A 475 -7.20 -25.24 5.93
C ALA A 475 -7.41 -25.26 4.43
N ASN A 476 -8.65 -25.15 3.98
CA ASN A 476 -8.93 -24.94 2.56
C ASN A 476 -8.43 -23.56 2.15
N ILE A 477 -7.65 -23.51 1.06
CA ILE A 477 -7.08 -22.26 0.59
C ILE A 477 -8.15 -21.31 0.06
N TRP A 478 -9.29 -21.84 -0.37
CA TRP A 478 -10.36 -21.01 -0.89
C TRP A 478 -11.00 -20.16 0.21
N ALA A 479 -11.05 -20.69 1.43
CA ALA A 479 -11.50 -19.88 2.56
C ALA A 479 -10.52 -18.75 2.85
N CYS A 480 -9.23 -18.98 2.61
CA CYS A 480 -8.26 -17.91 2.83
C CYS A 480 -8.34 -16.86 1.73
N TYR A 481 -8.65 -17.27 0.49
CA TYR A 481 -8.88 -16.30 -0.57
C TYR A 481 -10.10 -15.44 -0.28
N ALA A 482 -11.18 -16.07 0.20
CA ALA A 482 -12.37 -15.32 0.58
C ALA A 482 -12.10 -14.40 1.77
N GLY A 483 -11.24 -14.84 2.69
CA GLY A 483 -10.86 -13.99 3.80
C GLY A 483 -10.08 -12.76 3.36
N TYR A 484 -9.17 -12.92 2.39
CA TYR A 484 -8.44 -11.77 1.88
C TYR A 484 -9.34 -10.82 1.11
N LEU A 485 -10.31 -11.36 0.36
CA LEU A 485 -11.28 -10.54 -0.33
C LEU A 485 -12.07 -9.67 0.65
N ILE A 486 -12.65 -10.30 1.68
CA ILE A 486 -13.48 -9.59 2.63
C ILE A 486 -12.66 -8.61 3.45
N PHE A 487 -11.41 -8.98 3.78
CA PHE A 487 -10.56 -8.10 4.57
C PHE A 487 -10.15 -6.87 3.79
N LYS A 488 -9.74 -7.03 2.53
CA LYS A 488 -9.32 -5.87 1.75
C LYS A 488 -10.50 -4.97 1.43
N SER A 489 -11.67 -5.55 1.17
CA SER A 489 -12.84 -4.73 0.87
C SER A 489 -13.32 -3.96 2.10
N SER A 490 -13.41 -4.64 3.25
CA SER A 490 -13.88 -3.97 4.46
C SER A 490 -12.86 -2.96 4.96
N TYR A 491 -11.56 -3.23 4.79
CA TYR A 491 -10.56 -2.24 5.14
C TYR A 491 -10.64 -1.02 4.25
N MET A 492 -10.84 -1.21 2.94
CA MET A 492 -10.85 -0.05 2.05
C MET A 492 -12.08 0.80 2.30
N LEU A 493 -13.19 0.15 2.68
CA LEU A 493 -14.38 0.86 3.15
C LEU A 493 -14.07 1.73 4.37
N LEU A 494 -13.50 1.12 5.41
CA LEU A 494 -13.23 1.85 6.66
C LEU A 494 -12.18 2.94 6.46
N ILE A 495 -11.18 2.69 5.61
CA ILE A 495 -10.12 3.67 5.46
C ILE A 495 -10.54 4.81 4.53
N THR A 496 -11.50 4.57 3.62
CA THR A 496 -12.05 5.68 2.87
C THR A 496 -12.95 6.53 3.74
N ILE A 497 -13.65 5.89 4.70
CA ILE A 497 -14.36 6.65 5.73
C ILE A 497 -13.39 7.51 6.54
N ALA A 498 -12.21 6.97 6.86
CA ALA A 498 -11.20 7.71 7.60
C ALA A 498 -10.70 8.92 6.81
N VAL A 499 -10.38 8.72 5.53
CA VAL A 499 -9.88 9.83 4.71
C VAL A 499 -10.95 10.90 4.51
N PHE A 500 -12.21 10.48 4.34
CA PHE A 500 -13.29 11.45 4.19
C PHE A 500 -13.56 12.23 5.47
N GLN A 501 -13.34 11.60 6.63
CA GLN A 501 -13.51 12.36 7.88
C GLN A 501 -12.36 13.31 8.12
N ILE A 502 -11.13 12.89 7.80
CA ILE A 502 -9.96 13.73 8.08
C ILE A 502 -9.91 14.92 7.14
N ALA A 503 -10.28 14.72 5.87
CA ALA A 503 -10.11 15.76 4.86
C ALA A 503 -11.22 16.81 4.84
N VAL A 504 -11.97 17.00 5.93
CA VAL A 504 -13.10 17.94 5.89
C VAL A 504 -12.62 19.38 5.98
N ASN A 505 -11.98 19.73 7.09
CA ASN A 505 -11.63 21.13 7.35
C ASN A 505 -10.22 21.48 6.91
N LEU A 506 -9.45 20.53 6.41
CA LEU A 506 -8.05 20.76 6.13
C LEU A 506 -7.89 21.52 4.81
N ASN A 507 -6.80 22.28 4.73
CA ASN A 507 -6.43 22.98 3.52
C ASN A 507 -5.58 22.05 2.65
N VAL A 508 -4.93 22.60 1.62
CA VAL A 508 -4.04 21.80 0.80
C VAL A 508 -2.79 21.42 1.59
N GLU A 509 -2.21 22.37 2.31
CA GLU A 509 -0.98 22.10 3.05
C GLU A 509 -1.26 21.27 4.29
N ARG A 510 -2.38 21.51 4.96
CA ARG A 510 -2.73 20.81 6.18
C ARG A 510 -2.97 19.33 5.93
N TYR A 511 -3.65 19.02 4.82
CA TYR A 511 -3.93 17.64 4.42
C TYR A 511 -2.64 16.84 4.27
N ALA A 512 -1.70 17.36 3.49
CA ALA A 512 -0.48 16.62 3.20
C ALA A 512 0.45 16.57 4.40
N LEU A 513 0.51 17.64 5.19
CA LEU A 513 1.36 17.63 6.37
C LEU A 513 0.86 16.66 7.43
N VAL A 514 -0.45 16.68 7.69
CA VAL A 514 -1.02 15.80 8.71
C VAL A 514 -0.97 14.35 8.27
N PHE A 515 -1.19 14.08 6.97
CA PHE A 515 -1.05 12.70 6.52
C PHE A 515 0.40 12.22 6.46
N GLY A 516 1.36 13.13 6.26
CA GLY A 516 2.76 12.74 6.34
C GLY A 516 3.15 12.34 7.76
N ILE A 517 2.75 13.15 8.75
CA ILE A 517 3.06 12.82 10.14
C ILE A 517 2.31 11.57 10.58
N ASN A 518 1.09 11.36 10.08
CA ASN A 518 0.34 10.16 10.46
C ASN A 518 0.92 8.90 9.80
N THR A 519 1.43 9.03 8.57
CA THR A 519 2.13 7.92 7.96
C THR A 519 3.40 7.58 8.72
N PHE A 520 4.09 8.61 9.24
CA PHE A 520 5.27 8.37 10.06
C PHE A 520 4.92 7.64 11.35
N ILE A 521 3.84 8.03 12.01
CA ILE A 521 3.40 7.35 13.23
C ILE A 521 2.99 5.92 12.93
N ALA A 522 2.30 5.72 11.80
CA ALA A 522 1.88 4.38 11.38
C ALA A 522 3.08 3.48 11.08
N LEU A 523 4.14 4.04 10.53
CA LEU A 523 5.30 3.22 10.25
C LEU A 523 6.15 2.97 11.49
N VAL A 524 6.13 3.87 12.47
CA VAL A 524 6.77 3.56 13.74
C VAL A 524 6.03 2.43 14.45
N ILE A 525 4.69 2.46 14.40
CA ILE A 525 3.89 1.40 15.01
C ILE A 525 4.08 0.08 14.28
N GLN A 526 4.13 0.12 12.94
CA GLN A 526 4.33 -1.09 12.17
C GLN A 526 5.74 -1.65 12.36
N THR A 527 6.74 -0.78 12.48
CA THR A 527 8.10 -1.24 12.74
C THR A 527 8.23 -1.88 14.12
N ILE A 528 7.56 -1.31 15.13
CA ILE A 528 7.58 -1.91 16.47
C ILE A 528 6.90 -3.26 16.46
N MET A 529 5.74 -3.36 15.80
CA MET A 529 5.02 -4.64 15.73
C MET A 529 5.78 -5.68 14.91
N THR A 530 6.56 -5.23 13.92
CA THR A 530 7.38 -6.16 13.13
C THR A 530 8.58 -6.65 13.92
N VAL A 531 9.23 -5.76 14.70
CA VAL A 531 10.36 -6.15 15.53
C VAL A 531 9.91 -7.12 16.63
N ILE A 532 8.71 -6.90 17.17
CA ILE A 532 8.19 -7.83 18.18
C ILE A 532 7.83 -9.17 17.54
N VAL A 533 7.00 -9.15 16.51
CA VAL A 533 6.39 -10.40 16.03
C VAL A 533 7.23 -11.08 14.95
N VAL A 534 7.46 -10.39 13.83
CA VAL A 534 7.80 -11.09 12.59
C VAL A 534 9.29 -11.36 12.51
N ASP A 535 10.12 -10.37 12.79
CA ASP A 535 11.55 -10.42 12.52
C ASP A 535 12.24 -11.47 13.39
N GLN A 536 13.44 -11.87 12.96
CA GLN A 536 14.07 -13.08 13.47
C GLN A 536 14.52 -12.91 14.92
N ARG A 537 15.34 -11.90 15.18
CA ARG A 537 15.74 -11.65 16.57
C ARG A 537 14.57 -10.95 17.24
N GLY A 538 13.64 -11.75 17.73
CA GLY A 538 12.41 -11.29 18.35
C GLY A 538 11.61 -12.48 18.78
N LEU A 539 10.31 -12.49 18.50
CA LEU A 539 9.55 -13.72 18.74
C LEU A 539 9.78 -14.75 17.65
N ASN A 540 10.17 -14.30 16.45
CA ASN A 540 10.49 -15.15 15.29
C ASN A 540 9.32 -16.07 14.92
N LEU A 541 8.13 -15.51 14.94
CA LEU A 541 6.93 -16.31 14.71
C LEU A 541 6.76 -16.60 13.22
N PRO A 542 6.35 -17.82 12.87
CA PRO A 542 6.08 -18.15 11.47
C PRO A 542 4.73 -17.56 11.06
N VAL A 543 4.38 -17.78 9.79
CA VAL A 543 3.22 -17.13 9.20
C VAL A 543 1.90 -17.68 9.76
N SER A 544 1.94 -18.83 10.44
CA SER A 544 0.73 -19.36 11.05
C SER A 544 0.30 -18.52 12.24
N ILE A 545 1.23 -18.26 13.17
CA ILE A 545 0.90 -17.51 14.38
C ILE A 545 0.61 -16.04 14.06
N GLN A 546 1.22 -15.52 12.98
CA GLN A 546 1.18 -14.09 12.69
C GLN A 546 -0.22 -13.60 12.40
N PHE A 547 -0.98 -14.34 11.60
CA PHE A 547 -2.31 -13.86 11.22
C PHE A 547 -3.30 -13.95 12.37
N LEU A 548 -3.09 -14.88 13.31
CA LEU A 548 -3.82 -14.80 14.57
C LEU A 548 -3.43 -13.56 15.36
N VAL A 549 -2.14 -13.19 15.31
CA VAL A 549 -1.70 -11.99 16.02
C VAL A 549 -2.30 -10.73 15.40
N TYR A 550 -2.42 -10.70 14.06
CA TYR A 550 -3.00 -9.52 13.43
C TYR A 550 -4.53 -9.48 13.56
N GLY A 551 -5.18 -10.64 13.61
CA GLY A 551 -6.59 -10.67 13.98
C GLY A 551 -6.81 -10.15 15.39
N SER A 552 -5.92 -10.50 16.31
CA SER A 552 -5.99 -9.92 17.65
C SER A 552 -5.66 -8.43 17.66
N TYR A 553 -4.83 -7.98 16.71
CA TYR A 553 -4.50 -6.56 16.59
C TYR A 553 -5.72 -5.73 16.18
N PHE A 554 -6.40 -6.17 15.11
CA PHE A 554 -7.66 -5.52 14.73
C PHE A 554 -8.74 -5.73 15.77
N ALA A 555 -8.68 -6.81 16.55
CA ALA A 555 -9.62 -6.98 17.65
C ALA A 555 -9.35 -6.00 18.78
N VAL A 556 -8.08 -5.65 19.02
CA VAL A 556 -7.78 -4.64 20.03
C VAL A 556 -8.21 -3.26 19.56
N ILE A 557 -8.08 -3.00 18.25
CA ILE A 557 -8.64 -1.76 17.68
C ILE A 557 -10.15 -1.72 17.86
N ALA A 558 -10.82 -2.85 17.61
CA ALA A 558 -12.26 -2.93 17.80
C ALA A 558 -12.64 -2.86 19.28
N GLY A 559 -11.76 -3.28 20.17
CA GLY A 559 -12.01 -3.13 21.60
C GLY A 559 -11.87 -1.70 22.07
N ILE A 560 -10.96 -0.94 21.46
CA ILE A 560 -10.88 0.49 21.71
C ILE A 560 -12.15 1.18 21.21
N PHE A 561 -12.65 0.78 20.04
CA PHE A 561 -13.96 1.27 19.58
C PHE A 561 -15.10 0.84 20.50
N LEU A 562 -15.02 -0.34 21.09
CA LEU A 562 -16.07 -0.79 22.00
C LEU A 562 -16.05 -0.01 23.31
N MET A 563 -14.85 0.32 23.80
CA MET A 563 -14.75 1.20 24.97
C MET A 563 -15.22 2.61 24.65
N ARG A 564 -15.02 3.06 23.41
CA ARG A 564 -15.63 4.31 22.96
C ARG A 564 -17.15 4.20 22.92
N SER A 565 -17.67 3.03 22.56
CA SER A 565 -19.11 2.81 22.57
C SER A 565 -19.66 2.79 24.00
N MET A 566 -18.83 2.41 24.98
CA MET A 566 -19.22 2.64 26.38
C MET A 566 -19.24 4.13 26.71
N TYR A 567 -18.38 4.91 26.07
CA TYR A 567 -18.37 6.35 26.26
C TYR A 567 -19.36 7.01 25.29
#